data_2CSA
#
_entry.id   2CSA
#
_entity_poly.entity_id   1
_entity_poly.type   'polypeptide(L)'
_entity_poly.pdbx_seq_one_letter_code
;SGTEAETENFVHPTGSSRS
;
_entity_poly.pdbx_strand_id   A
#
# COMPACT_ATOMS: atom_id res chain seq x y z
N SER A 1 -4.37 3.54 -8.05
CA SER A 1 -5.19 2.71 -8.96
C SER A 1 -6.39 2.12 -8.24
N GLY A 2 -7.58 2.62 -8.57
CA GLY A 2 -8.79 2.11 -7.94
C GLY A 2 -8.90 2.54 -6.49
N THR A 3 -8.31 1.75 -5.60
CA THR A 3 -8.34 2.05 -4.17
C THR A 3 -9.77 1.98 -3.64
N GLU A 4 -9.94 1.24 -2.55
CA GLU A 4 -11.25 1.09 -1.94
C GLU A 4 -11.13 0.86 -0.44
N ALA A 5 -10.24 -0.05 -0.05
CA ALA A 5 -10.03 -0.35 1.36
C ALA A 5 -9.60 0.89 2.13
N GLU A 6 -9.13 0.69 3.36
CA GLU A 6 -8.68 1.79 4.20
C GLU A 6 -7.57 2.58 3.52
N THR A 7 -6.79 1.90 2.69
CA THR A 7 -5.68 2.55 1.97
C THR A 7 -5.06 1.60 0.96
N GLU A 8 -4.88 0.34 1.37
CA GLU A 8 -4.30 -0.66 0.49
C GLU A 8 -2.89 -0.26 0.07
N ASN A 9 -2.20 0.48 0.93
CA ASN A 9 -0.84 0.92 0.65
C ASN A 9 -0.22 1.61 1.86
N PHE A 10 0.62 0.87 2.58
CA PHE A 10 1.28 1.40 3.76
C PHE A 10 2.66 0.78 3.94
N VAL A 11 2.71 -0.55 3.92
CA VAL A 11 3.98 -1.26 4.08
C VAL A 11 3.94 -2.60 3.35
N HIS A 12 2.87 -3.34 3.56
CA HIS A 12 2.70 -4.65 2.93
C HIS A 12 2.26 -4.51 1.47
N PRO A 13 1.08 -3.89 1.24
CA PRO A 13 0.54 -3.69 -0.10
C PRO A 13 1.24 -2.57 -0.86
N THR A 14 2.13 -1.85 -0.18
CA THR A 14 2.86 -0.74 -0.79
C THR A 14 3.64 -1.22 -2.01
N GLY A 15 3.21 -0.80 -3.19
CA GLY A 15 3.88 -1.19 -4.43
C GLY A 15 2.94 -1.25 -5.61
N SER A 16 3.40 -0.78 -6.76
CA SER A 16 2.59 -0.78 -7.97
C SER A 16 3.11 -1.81 -8.97
N SER A 17 4.41 -2.04 -8.95
CA SER A 17 5.04 -2.99 -9.86
C SER A 17 4.48 -4.39 -9.64
N ARG A 18 4.89 -5.03 -8.54
CA ARG A 18 4.42 -6.37 -8.22
C ARG A 18 3.48 -6.34 -7.02
N SER A 19 4.03 -6.06 -5.84
CA SER A 19 3.24 -6.00 -4.61
C SER A 19 2.57 -7.34 -4.34
N SER A 1 -6.95 -6.98 13.45
CA SER A 1 -6.87 -5.86 12.47
C SER A 1 -7.24 -6.33 11.07
N GLY A 2 -8.19 -5.63 10.45
CA GLY A 2 -8.62 -5.99 9.12
C GLY A 2 -7.81 -5.30 8.04
N THR A 3 -7.97 -5.75 6.80
CA THR A 3 -7.24 -5.16 5.68
C THR A 3 -8.18 -4.94 4.48
N GLU A 4 -8.93 -3.85 4.54
CA GLU A 4 -9.87 -3.52 3.46
C GLU A 4 -10.24 -2.04 3.51
N ALA A 5 -10.68 -1.58 4.68
CA ALA A 5 -11.08 -0.19 4.85
C ALA A 5 -9.86 0.69 5.15
N GLU A 6 -9.42 0.65 6.41
CA GLU A 6 -8.27 1.44 6.83
C GLU A 6 -6.97 0.66 6.64
N THR A 7 -6.77 0.15 5.43
CA THR A 7 -5.56 -0.62 5.12
C THR A 7 -5.35 -0.70 3.62
N GLU A 8 -4.76 0.36 3.05
CA GLU A 8 -4.50 0.41 1.62
C GLU A 8 -3.17 1.11 1.34
N ASN A 9 -2.17 0.34 0.94
CA ASN A 9 -0.85 0.89 0.64
C ASN A 9 -0.25 1.56 1.86
N PHE A 10 0.66 0.85 2.54
CA PHE A 10 1.30 1.39 3.74
C PHE A 10 2.68 0.77 3.93
N VAL A 11 2.74 -0.56 3.91
CA VAL A 11 4.00 -1.27 4.07
C VAL A 11 3.98 -2.60 3.35
N HIS A 12 2.90 -3.35 3.53
CA HIS A 12 2.75 -4.65 2.90
C HIS A 12 2.31 -4.51 1.44
N PRO A 13 1.14 -3.89 1.20
CA PRO A 13 0.62 -3.69 -0.15
C PRO A 13 1.32 -2.56 -0.90
N THR A 14 2.20 -1.84 -0.20
CA THR A 14 2.94 -0.74 -0.81
C THR A 14 3.73 -1.21 -2.02
N GLY A 15 4.02 -0.29 -2.93
CA GLY A 15 4.77 -0.63 -4.13
C GLY A 15 4.57 0.37 -5.25
N SER A 16 3.40 1.00 -5.27
CA SER A 16 3.08 1.97 -6.30
C SER A 16 2.50 3.25 -5.68
N SER A 17 3.00 3.60 -4.51
CA SER A 17 2.54 4.80 -3.81
C SER A 17 3.00 6.06 -4.53
N ARG A 18 4.23 6.05 -5.01
CA ARG A 18 4.79 7.20 -5.72
C ARG A 18 4.55 7.07 -7.22
N SER A 19 4.98 5.95 -7.79
CA SER A 19 4.81 5.71 -9.22
C SER A 19 3.39 5.23 -9.52
N SER A 1 -4.59 12.77 -4.05
CA SER A 1 -5.72 12.45 -3.15
C SER A 1 -5.23 12.06 -1.76
N GLY A 2 -5.92 12.54 -0.74
CA GLY A 2 -5.53 12.23 0.62
C GLY A 2 -5.55 10.74 0.91
N THR A 3 -4.89 10.34 1.98
CA THR A 3 -4.82 8.94 2.37
C THR A 3 -5.74 8.65 3.54
N GLU A 4 -7.03 8.49 3.25
CA GLU A 4 -8.02 8.22 4.28
C GLU A 4 -9.18 7.39 3.72
N ALA A 5 -9.69 7.81 2.57
CA ALA A 5 -10.80 7.11 1.94
C ALA A 5 -10.42 5.67 1.61
N GLU A 6 -9.54 5.50 0.64
CA GLU A 6 -9.08 4.17 0.24
C GLU A 6 -7.92 3.71 1.10
N THR A 7 -6.73 4.22 0.82
CA THR A 7 -5.54 3.87 1.57
C THR A 7 -5.26 2.37 1.45
N GLU A 8 -4.43 2.01 0.46
CA GLU A 8 -4.08 0.61 0.24
C GLU A 8 -2.57 0.46 0.07
N ASN A 9 -1.81 1.31 0.75
CA ASN A 9 -0.36 1.27 0.68
C ASN A 9 0.27 1.84 1.94
N PHE A 10 0.75 0.97 2.81
CA PHE A 10 1.37 1.40 4.07
C PHE A 10 2.74 0.75 4.24
N VAL A 11 2.79 -0.57 4.13
CA VAL A 11 4.04 -1.31 4.28
C VAL A 11 4.01 -2.60 3.49
N HIS A 12 2.93 -3.35 3.62
CA HIS A 12 2.78 -4.61 2.91
C HIS A 12 2.36 -4.39 1.46
N PRO A 13 1.20 -3.75 1.23
CA PRO A 13 0.70 -3.48 -0.12
C PRO A 13 1.42 -2.32 -0.79
N THR A 14 2.29 -1.65 -0.04
CA THR A 14 3.05 -0.51 -0.57
C THR A 14 3.85 -0.92 -1.81
N GLY A 15 4.60 0.03 -2.35
CA GLY A 15 5.41 -0.25 -3.52
C GLY A 15 6.13 0.98 -4.04
N SER A 16 5.42 2.10 -4.11
CA SER A 16 5.99 3.35 -4.59
C SER A 16 5.61 4.50 -3.67
N SER A 17 6.59 5.37 -3.38
CA SER A 17 6.36 6.52 -2.52
C SER A 17 7.47 7.56 -2.68
N ARG A 18 7.11 8.82 -2.54
CA ARG A 18 8.07 9.91 -2.68
C ARG A 18 8.85 10.11 -1.39
N SER A 19 10.12 10.52 -1.51
CA SER A 19 10.97 10.74 -0.35
C SER A 19 10.60 12.04 0.35
N SER A 1 -11.23 5.36 8.54
CA SER A 1 -10.72 6.72 8.24
C SER A 1 -9.20 6.79 8.36
N GLY A 2 -8.67 6.13 9.38
CA GLY A 2 -7.23 6.13 9.59
C GLY A 2 -6.59 4.81 9.19
N THR A 3 -7.04 4.25 8.07
CA THR A 3 -6.50 2.99 7.58
C THR A 3 -6.72 1.87 8.60
N GLU A 4 -7.61 0.93 8.25
CA GLU A 4 -7.92 -0.19 9.14
C GLU A 4 -8.54 -1.34 8.37
N ALA A 5 -8.15 -1.48 7.10
CA ALA A 5 -8.67 -2.54 6.25
C ALA A 5 -7.82 -3.79 6.35
N GLU A 6 -8.15 -4.81 5.55
CA GLU A 6 -7.42 -6.06 5.56
C GLU A 6 -5.97 -5.85 5.14
N THR A 7 -5.75 -4.88 4.26
CA THR A 7 -4.41 -4.57 3.77
C THR A 7 -4.40 -3.27 2.98
N GLU A 8 -4.38 -2.15 3.71
CA GLU A 8 -4.37 -0.84 3.07
C GLU A 8 -2.98 -0.51 2.52
N ASN A 9 -2.81 0.72 2.06
CA ASN A 9 -1.53 1.17 1.51
C ASN A 9 -0.67 1.81 2.59
N PHE A 10 0.11 1.00 3.29
CA PHE A 10 0.98 1.49 4.35
C PHE A 10 2.40 0.96 4.17
N VAL A 11 2.53 -0.35 4.03
CA VAL A 11 3.84 -0.98 3.86
C VAL A 11 3.73 -2.29 3.09
N HIS A 12 2.75 -3.11 3.47
CA HIS A 12 2.54 -4.40 2.82
C HIS A 12 2.57 -4.26 1.29
N PRO A 13 1.68 -3.42 0.72
CA PRO A 13 1.61 -3.20 -0.72
C PRO A 13 2.66 -2.21 -1.20
N THR A 14 3.93 -2.49 -0.87
CA THR A 14 5.02 -1.61 -1.28
C THR A 14 5.83 -2.23 -2.41
N GLY A 15 6.95 -1.62 -2.74
CA GLY A 15 7.79 -2.13 -3.82
C GLY A 15 9.19 -1.54 -3.79
N SER A 16 9.69 -1.15 -4.96
CA SER A 16 11.01 -0.55 -5.07
C SER A 16 10.92 0.94 -5.33
N SER A 17 9.87 1.36 -6.04
CA SER A 17 9.67 2.77 -6.34
C SER A 17 8.35 2.98 -7.08
N ARG A 18 8.15 4.19 -7.60
CA ARG A 18 6.93 4.51 -8.33
C ARG A 18 7.26 5.22 -9.65
N SER A 19 7.23 4.46 -10.74
CA SER A 19 7.53 5.00 -12.06
C SER A 19 6.69 4.32 -13.13
N SER A 1 -1.91 -14.08 5.15
CA SER A 1 -2.29 -13.94 6.57
C SER A 1 -1.94 -12.56 7.11
N GLY A 2 -2.13 -11.54 6.28
CA GLY A 2 -1.82 -10.18 6.69
C GLY A 2 -2.30 -9.15 5.68
N THR A 3 -2.00 -7.88 5.95
CA THR A 3 -2.41 -6.80 5.06
C THR A 3 -3.92 -6.74 4.93
N GLU A 4 -4.56 -6.01 5.83
CA GLU A 4 -6.01 -5.87 5.81
C GLU A 4 -6.44 -4.54 6.43
N ALA A 5 -5.60 -3.53 6.27
CA ALA A 5 -5.89 -2.20 6.81
C ALA A 5 -6.91 -1.46 5.94
N GLU A 6 -7.39 -0.34 6.44
CA GLU A 6 -8.37 0.47 5.71
C GLU A 6 -7.69 1.50 4.82
N THR A 7 -6.40 1.32 4.55
CA THR A 7 -5.64 2.23 3.72
C THR A 7 -5.26 1.58 2.40
N GLU A 8 -5.00 0.27 2.44
CA GLU A 8 -4.63 -0.48 1.24
C GLU A 8 -3.35 0.08 0.63
N ASN A 9 -2.49 0.67 1.47
CA ASN A 9 -1.24 1.24 1.01
C ASN A 9 -0.45 1.83 2.17
N PHE A 10 0.34 0.99 2.84
CA PHE A 10 1.14 1.44 3.97
C PHE A 10 2.56 0.89 3.89
N VAL A 11 2.67 -0.44 3.84
CA VAL A 11 3.98 -1.10 3.75
C VAL A 11 3.87 -2.48 3.12
N HIS A 12 2.88 -3.25 3.57
CA HIS A 12 2.67 -4.60 3.04
C HIS A 12 2.57 -4.57 1.52
N PRO A 13 1.59 -3.82 0.97
CA PRO A 13 1.40 -3.72 -0.48
C PRO A 13 2.34 -2.71 -1.13
N THR A 14 3.64 -2.86 -0.85
CA THR A 14 4.64 -1.95 -1.40
C THR A 14 5.36 -2.60 -2.59
N GLY A 15 4.63 -3.38 -3.37
CA GLY A 15 5.21 -4.05 -4.52
C GLY A 15 4.47 -5.30 -4.90
N SER A 16 3.44 -5.16 -5.73
CA SER A 16 2.64 -6.30 -6.16
C SER A 16 3.47 -7.23 -7.03
N SER A 17 3.18 -8.53 -6.94
CA SER A 17 3.90 -9.53 -7.72
C SER A 17 3.44 -9.52 -9.18
N ARG A 18 2.17 -9.85 -9.39
CA ARG A 18 1.60 -9.87 -10.73
C ARG A 18 0.09 -9.95 -10.69
N SER A 19 -0.57 -8.83 -10.97
CA SER A 19 -2.03 -8.77 -10.96
C SER A 19 -2.58 -9.10 -9.58
N SER A 1 0.35 15.51 8.34
CA SER A 1 -0.01 14.07 8.21
C SER A 1 -1.51 13.90 7.99
N GLY A 2 -1.89 12.74 7.47
CA GLY A 2 -3.29 12.46 7.22
C GLY A 2 -3.52 11.77 5.90
N THR A 3 -3.71 10.45 5.94
CA THR A 3 -3.93 9.67 4.73
C THR A 3 -4.50 8.30 5.07
N GLU A 4 -5.82 8.18 5.02
CA GLU A 4 -6.49 6.92 5.32
C GLU A 4 -7.80 6.80 4.55
N ALA A 5 -7.84 7.38 3.36
CA ALA A 5 -9.03 7.34 2.53
C ALA A 5 -9.01 6.12 1.62
N GLU A 6 -8.27 6.21 0.52
CA GLU A 6 -8.16 5.12 -0.43
C GLU A 6 -7.02 4.18 -0.07
N THR A 7 -5.97 4.74 0.53
CA THR A 7 -4.81 3.96 0.93
C THR A 7 -4.16 3.29 -0.28
N GLU A 8 -3.10 3.92 -0.80
CA GLU A 8 -2.39 3.38 -1.95
C GLU A 8 -1.08 2.72 -1.53
N ASN A 9 -0.48 3.23 -0.47
CA ASN A 9 0.77 2.69 0.04
C ASN A 9 0.70 2.47 1.55
N PHE A 10 0.48 1.22 1.95
CA PHE A 10 0.40 0.88 3.36
C PHE A 10 1.74 0.39 3.88
N VAL A 11 2.02 -0.90 3.72
CA VAL A 11 3.27 -1.49 4.18
C VAL A 11 3.60 -2.75 3.39
N HIS A 12 2.81 -3.80 3.59
CA HIS A 12 3.01 -5.07 2.90
C HIS A 12 2.44 -5.01 1.49
N PRO A 13 1.16 -4.63 1.35
CA PRO A 13 0.50 -4.54 0.03
C PRO A 13 0.82 -3.24 -0.69
N THR A 14 1.57 -2.36 -0.04
CA THR A 14 1.94 -1.08 -0.63
C THR A 14 2.70 -1.28 -1.94
N GLY A 15 3.55 -2.30 -1.98
CA GLY A 15 4.31 -2.59 -3.18
C GLY A 15 5.67 -3.22 -2.87
N SER A 16 6.73 -2.59 -3.35
CA SER A 16 8.07 -3.11 -3.13
C SER A 16 9.13 -2.11 -3.60
N SER A 17 8.83 -0.82 -3.42
CA SER A 17 9.74 0.24 -3.83
C SER A 17 10.86 0.42 -2.81
N ARG A 18 11.75 1.37 -3.07
CA ARG A 18 12.86 1.64 -2.16
C ARG A 18 12.46 2.66 -1.11
N SER A 19 12.17 3.88 -1.55
CA SER A 19 11.78 4.96 -0.64
C SER A 19 11.02 6.05 -1.38
N SER A 1 9.16 2.02 -2.71
CA SER A 1 8.29 1.05 -3.41
C SER A 1 6.81 1.32 -3.13
N GLY A 2 6.13 1.96 -4.06
CA GLY A 2 4.72 2.26 -3.89
C GLY A 2 4.31 3.55 -4.56
N THR A 3 4.40 4.66 -3.83
CA THR A 3 4.05 5.97 -4.36
C THR A 3 2.60 5.97 -4.86
N GLU A 4 1.71 6.60 -4.09
CA GLU A 4 0.31 6.67 -4.46
C GLU A 4 -0.40 7.79 -3.70
N ALA A 5 -0.96 8.74 -4.43
CA ALA A 5 -1.67 9.86 -3.82
C ALA A 5 -2.83 9.38 -2.96
N GLU A 6 -3.43 8.26 -3.35
CA GLU A 6 -4.55 7.70 -2.62
C GLU A 6 -4.07 6.93 -1.39
N THR A 7 -2.88 6.34 -1.50
CA THR A 7 -2.31 5.58 -0.39
C THR A 7 -0.80 5.47 -0.54
N GLU A 8 -0.09 6.49 -0.07
CA GLU A 8 1.37 6.50 -0.15
C GLU A 8 1.99 5.70 0.99
N ASN A 9 2.68 4.62 0.64
CA ASN A 9 3.32 3.77 1.64
C ASN A 9 2.29 3.18 2.60
N PHE A 10 1.62 2.13 2.17
CA PHE A 10 0.60 1.48 2.99
C PHE A 10 1.25 0.67 4.12
N VAL A 11 1.63 -0.57 3.81
CA VAL A 11 2.26 -1.44 4.80
C VAL A 11 3.15 -2.49 4.13
N HIS A 12 2.56 -3.22 3.18
CA HIS A 12 3.29 -4.25 2.46
C HIS A 12 2.37 -4.96 1.47
N PRO A 13 1.20 -5.45 1.93
CA PRO A 13 0.25 -6.15 1.07
C PRO A 13 -0.22 -5.29 -0.11
N THR A 14 -0.05 -3.97 0.02
CA THR A 14 -0.45 -3.05 -1.02
C THR A 14 0.19 -3.41 -2.36
N GLY A 15 -0.12 -2.63 -3.40
CA GLY A 15 0.43 -2.90 -4.71
C GLY A 15 -0.23 -2.07 -5.80
N SER A 16 0.47 -1.88 -6.91
CA SER A 16 -0.07 -1.11 -8.02
C SER A 16 0.83 -1.25 -9.26
N SER A 17 0.22 -1.67 -10.36
CA SER A 17 0.97 -1.85 -11.61
C SER A 17 0.88 -0.59 -12.47
N ARG A 18 2.01 0.09 -12.62
CA ARG A 18 2.06 1.31 -13.43
C ARG A 18 1.12 2.38 -12.86
N SER A 19 1.63 3.19 -11.95
CA SER A 19 0.85 4.26 -11.34
C SER A 19 1.72 5.45 -10.98
N SER A 1 -4.76 -4.16 4.70
CA SER A 1 -5.41 -4.41 3.39
C SER A 1 -6.34 -3.28 3.01
N GLY A 2 -5.81 -2.29 2.30
CA GLY A 2 -6.61 -1.15 1.89
C GLY A 2 -6.46 0.03 2.82
N THR A 3 -6.22 -0.25 4.10
CA THR A 3 -6.06 0.80 5.11
C THR A 3 -7.38 1.53 5.34
N GLU A 4 -7.82 2.29 4.35
CA GLU A 4 -9.06 3.05 4.46
C GLU A 4 -9.39 3.76 3.15
N ALA A 5 -8.56 4.75 2.81
CA ALA A 5 -8.76 5.51 1.58
C ALA A 5 -8.01 4.87 0.42
N GLU A 6 -8.06 5.54 -0.74
CA GLU A 6 -7.39 5.02 -1.93
C GLU A 6 -5.95 5.55 -2.01
N THR A 7 -5.20 5.36 -0.94
CA THR A 7 -3.81 5.81 -0.88
C THR A 7 -2.93 4.96 -1.80
N GLU A 8 -3.29 3.68 -1.94
CA GLU A 8 -2.54 2.77 -2.78
C GLU A 8 -1.11 2.63 -2.28
N ASN A 9 -0.93 2.67 -0.96
CA ASN A 9 0.39 2.56 -0.36
C ASN A 9 0.29 2.40 1.16
N PHE A 10 0.39 1.17 1.63
CA PHE A 10 0.30 0.88 3.07
C PHE A 10 1.66 0.46 3.61
N VAL A 11 1.97 -0.82 3.51
CA VAL A 11 3.24 -1.36 4.00
C VAL A 11 3.61 -2.64 3.27
N HIS A 12 2.86 -3.70 3.53
CA HIS A 12 3.11 -4.99 2.90
C HIS A 12 2.53 -5.02 1.49
N PRO A 13 1.23 -4.71 1.33
CA PRO A 13 0.58 -4.70 0.03
C PRO A 13 0.83 -3.41 -0.75
N THR A 14 1.62 -2.51 -0.17
CA THR A 14 1.94 -1.25 -0.82
C THR A 14 2.60 -1.47 -2.17
N GLY A 15 3.43 -2.50 -2.25
CA GLY A 15 4.12 -2.80 -3.49
C GLY A 15 5.43 -3.55 -3.27
N SER A 16 6.53 -2.80 -3.24
CA SER A 16 7.84 -3.40 -3.03
C SER A 16 8.16 -4.43 -4.11
N SER A 17 7.70 -4.16 -5.33
CA SER A 17 7.93 -5.06 -6.45
C SER A 17 9.41 -5.15 -6.78
N ARG A 18 10.08 -6.16 -6.24
CA ARG A 18 11.51 -6.36 -6.47
C ARG A 18 11.99 -7.67 -5.88
N SER A 19 13.12 -8.16 -6.36
CA SER A 19 13.69 -9.41 -5.87
C SER A 19 15.17 -9.26 -5.60
N SER A 1 -0.22 -0.28 -10.78
CA SER A 1 1.13 0.23 -11.09
C SER A 1 1.72 1.04 -9.93
N GLY A 2 1.09 2.17 -9.63
CA GLY A 2 1.55 3.00 -8.54
C GLY A 2 0.42 3.60 -7.74
N THR A 3 0.51 3.51 -6.42
CA THR A 3 -0.51 4.05 -5.53
C THR A 3 -1.85 3.37 -5.80
N GLU A 4 -1.81 2.07 -6.07
CA GLU A 4 -3.02 1.30 -6.33
C GLU A 4 -2.86 -0.15 -5.90
N ALA A 5 -2.96 -0.38 -4.59
CA ALA A 5 -2.83 -1.73 -4.06
C ALA A 5 -4.18 -2.44 -4.00
N GLU A 6 -4.17 -3.66 -3.47
CA GLU A 6 -5.39 -4.45 -3.36
C GLU A 6 -6.26 -3.95 -2.20
N THR A 7 -5.61 -3.51 -1.14
CA THR A 7 -6.31 -3.01 0.04
C THR A 7 -5.87 -1.59 0.38
N GLU A 8 -4.55 -1.37 0.33
CA GLU A 8 -3.99 -0.06 0.63
C GLU A 8 -2.49 -0.04 0.39
N ASN A 9 -1.87 1.12 0.61
CA ASN A 9 -0.43 1.27 0.42
C ASN A 9 0.22 1.84 1.67
N PHE A 10 0.60 0.97 2.59
CA PHE A 10 1.23 1.40 3.83
C PHE A 10 2.61 0.76 4.00
N VAL A 11 2.67 -0.56 3.92
CA VAL A 11 3.93 -1.28 4.07
C VAL A 11 3.92 -2.61 3.32
N HIS A 12 2.97 -3.47 3.68
CA HIS A 12 2.86 -4.78 3.06
C HIS A 12 2.32 -4.67 1.63
N PRO A 13 1.08 -4.17 1.47
CA PRO A 13 0.46 -4.02 0.15
C PRO A 13 0.98 -2.81 -0.61
N THR A 14 1.83 -2.02 0.04
CA THR A 14 2.40 -0.82 -0.59
C THR A 14 3.15 -1.19 -1.88
N GLY A 15 3.77 -2.36 -1.88
CA GLY A 15 4.51 -2.79 -3.04
C GLY A 15 5.57 -3.82 -2.71
N SER A 16 6.21 -3.65 -1.55
CA SER A 16 7.26 -4.56 -1.11
C SER A 16 6.66 -5.77 -0.42
N SER A 17 7.52 -6.62 0.16
CA SER A 17 7.07 -7.81 0.85
C SER A 17 7.97 -8.11 2.05
N ARG A 18 7.59 -9.12 2.83
CA ARG A 18 8.37 -9.52 4.00
C ARG A 18 8.44 -8.37 5.01
N SER A 19 8.70 -8.71 6.26
CA SER A 19 8.80 -7.71 7.32
C SER A 19 10.24 -7.24 7.49
N SER A 1 -7.35 2.61 13.70
CA SER A 1 -6.28 3.61 13.44
C SER A 1 -5.75 3.50 12.01
N GLY A 2 -6.66 3.26 11.08
CA GLY A 2 -6.27 3.14 9.68
C GLY A 2 -5.73 4.45 9.12
N THR A 3 -5.29 4.41 7.86
CA THR A 3 -4.75 5.60 7.21
C THR A 3 -5.74 6.14 6.19
N GLU A 4 -5.89 5.43 5.07
CA GLU A 4 -6.81 5.85 4.02
C GLU A 4 -6.78 4.85 2.86
N ALA A 5 -7.96 4.42 2.42
CA ALA A 5 -8.07 3.47 1.33
C ALA A 5 -7.41 4.01 0.07
N GLU A 6 -7.60 5.30 -0.18
CA GLU A 6 -7.03 5.95 -1.36
C GLU A 6 -5.64 6.51 -1.05
N THR A 7 -4.77 5.66 -0.49
CA THR A 7 -3.42 6.07 -0.14
C THR A 7 -2.42 5.52 -1.15
N GLU A 8 -2.71 4.34 -1.70
CA GLU A 8 -1.83 3.71 -2.67
C GLU A 8 -0.46 3.45 -2.07
N ASN A 9 -0.43 3.20 -0.76
CA ASN A 9 0.82 2.93 -0.06
C ASN A 9 0.57 2.61 1.41
N PHE A 10 0.58 1.32 1.74
CA PHE A 10 0.35 0.89 3.11
C PHE A 10 1.64 0.38 3.74
N VAL A 11 2.12 -0.77 3.28
CA VAL A 11 3.35 -1.36 3.80
C VAL A 11 3.69 -2.66 3.07
N HIS A 12 3.01 -3.73 3.44
CA HIS A 12 3.24 -5.04 2.83
C HIS A 12 2.54 -5.14 1.48
N PRO A 13 1.23 -4.85 1.41
CA PRO A 13 0.46 -4.92 0.17
C PRO A 13 0.66 -3.70 -0.72
N THR A 14 1.51 -2.76 -0.28
CA THR A 14 1.78 -1.55 -1.04
C THR A 14 2.33 -1.90 -2.42
N GLY A 15 3.24 -2.87 -2.46
CA GLY A 15 3.83 -3.27 -3.73
C GLY A 15 5.25 -3.78 -3.57
N SER A 16 5.46 -4.63 -2.56
CA SER A 16 6.77 -5.19 -2.30
C SER A 16 7.11 -6.29 -3.31
N SER A 17 8.38 -6.68 -3.36
CA SER A 17 8.82 -7.72 -4.27
C SER A 17 10.14 -8.33 -3.80
N ARG A 18 10.34 -8.37 -2.49
CA ARG A 18 11.54 -8.93 -1.92
C ARG A 18 11.70 -10.40 -2.29
N SER A 19 12.90 -10.94 -2.08
CA SER A 19 13.18 -12.33 -2.40
C SER A 19 12.97 -12.61 -3.89
#